data_8DF0
#
_entry.id   8DF0
#
_cell.length_a   91.970
_cell.length_b   91.970
_cell.length_c   176.915
_cell.angle_alpha   90.000
_cell.angle_beta   90.000
_cell.angle_gamma   90.000
#
_symmetry.space_group_name_H-M   'P 42 2 2'
#
loop_
_entity.id
_entity.type
_entity.pdbx_description
1 polymer 'Abp1D Receptor Binding Domain'
2 water water
#
_entity_poly.entity_id   1
_entity_poly.type   'polypeptide(L)'
_entity_poly.pdbx_seq_one_letter_code
;NCTLSKGFTTVDIPMTIGTIVVRPTDPIGTVLQKNTFTISPNNSTATCNRASDQITAALPLNYPVSSIGNNVYATNIPGI
GIRLYREAFDSTDFSGYYPYKRSLTPNTTYTLSPGYFVMEVIKTAATTGSGALVAGRYSTYYVTGQQNRPFLTTTVLSSS
PILIASSSHHHHHH
;
_entity_poly.pdbx_strand_id   A,B
#
# COMPACT_ATOMS: atom_id res chain seq x y z
N ASN A 1 -22.36 -12.20 -5.15
CA ASN A 1 -22.84 -11.26 -4.09
C ASN A 1 -22.40 -11.75 -2.71
N CYS A 2 -22.50 -10.89 -1.70
CA CYS A 2 -21.91 -11.17 -0.41
C CYS A 2 -22.97 -11.26 0.67
N THR A 3 -22.76 -12.21 1.58
CA THR A 3 -23.60 -12.44 2.74
C THR A 3 -22.81 -12.10 4.01
N LEU A 4 -23.50 -11.44 4.94
CA LEU A 4 -22.92 -11.11 6.22
C LEU A 4 -23.40 -12.08 7.32
N SER A 5 -22.53 -12.34 8.28
CA SER A 5 -22.89 -13.15 9.43
C SER A 5 -24.09 -12.55 10.16
N LYS A 6 -24.78 -13.41 10.90
CA LYS A 6 -25.85 -12.93 11.78
C LYS A 6 -25.24 -12.05 12.86
N GLY A 7 -25.87 -10.92 13.15
CA GLY A 7 -25.34 -10.02 14.13
C GLY A 7 -24.12 -9.24 13.66
N PHE A 8 -23.89 -9.20 12.34
CA PHE A 8 -22.81 -8.40 11.77
C PHE A 8 -22.92 -6.97 12.25
N THR A 9 -21.79 -6.38 12.65
CA THR A 9 -21.78 -5.08 13.31
C THR A 9 -20.56 -4.27 12.86
N THR A 10 -20.84 -3.11 12.29
CA THR A 10 -19.80 -2.18 11.86
C THR A 10 -18.99 -1.71 13.06
N VAL A 11 -17.68 -1.61 12.89
CA VAL A 11 -16.80 -0.99 13.88
C VAL A 11 -16.51 0.41 13.39
N ASP A 12 -16.80 1.42 14.20
CA ASP A 12 -16.47 2.80 13.87
C ASP A 12 -15.34 3.30 14.77
N ILE A 13 -14.38 4.00 14.19
CA ILE A 13 -13.30 4.60 14.97
C ILE A 13 -13.48 6.12 14.92
N PRO A 14 -13.80 6.77 16.06
CA PRO A 14 -13.72 8.24 16.11
C PRO A 14 -12.28 8.69 16.02
N MET A 15 -12.01 9.59 15.10
CA MET A 15 -10.66 10.08 14.89
C MET A 15 -10.51 11.39 15.63
N THR A 16 -9.95 11.28 16.83
CA THR A 16 -9.75 12.42 17.70
C THR A 16 -8.27 12.74 17.69
N ILE A 17 -7.93 13.96 17.30
CA ILE A 17 -6.56 14.40 17.11
C ILE A 17 -6.46 15.81 17.67
N GLY A 18 -5.38 16.06 18.39
CA GLY A 18 -5.16 17.39 18.92
C GLY A 18 -4.83 18.40 17.84
N THR A 19 -4.74 19.65 18.28
CA THR A 19 -4.43 20.74 17.37
C THR A 19 -3.15 20.45 16.62
N ILE A 20 -3.22 20.60 15.31
CA ILE A 20 -2.08 20.40 14.43
C ILE A 20 -1.56 21.79 14.06
N VAL A 21 -0.32 22.09 14.47
CA VAL A 21 0.30 23.36 14.12
C VAL A 21 1.06 23.20 12.80
N VAL A 22 0.76 24.07 11.84
CA VAL A 22 1.50 24.17 10.60
C VAL A 22 2.36 25.43 10.67
N ARG A 23 3.62 25.29 10.33
CA ARG A 23 4.56 26.38 10.32
C ARG A 23 4.92 26.73 8.89
N PRO A 24 5.17 28.00 8.58
CA PRO A 24 5.62 28.36 7.23
C PRO A 24 6.85 27.56 6.78
N THR A 25 7.73 27.18 7.70
CA THR A 25 8.95 26.46 7.35
C THR A 25 8.73 24.98 7.08
N ASP A 26 7.56 24.42 7.39
CA ASP A 26 7.25 23.04 7.00
C ASP A 26 7.19 22.97 5.48
N PRO A 27 8.02 22.18 4.82
CA PRO A 27 7.93 22.08 3.36
C PRO A 27 6.69 21.34 2.89
N ILE A 28 6.30 21.64 1.66
CA ILE A 28 5.22 20.89 1.05
C ILE A 28 5.57 19.42 1.12
N GLY A 29 4.57 18.59 1.45
CA GLY A 29 4.79 17.17 1.61
C GLY A 29 5.08 16.72 3.03
N THR A 30 5.25 17.66 3.95
CA THR A 30 5.50 17.31 5.33
C THR A 30 4.30 16.57 5.92
N VAL A 31 4.57 15.45 6.59
CA VAL A 31 3.57 14.82 7.44
C VAL A 31 3.49 15.68 8.69
N LEU A 32 2.46 16.50 8.80
CA LEU A 32 2.30 17.36 9.96
C LEU A 32 1.93 16.56 11.19
N GLN A 33 1.12 15.53 11.03
CA GLN A 33 0.60 14.75 12.15
C GLN A 33 0.32 13.35 11.62
N LYS A 34 0.73 12.35 12.38
CA LYS A 34 0.40 10.96 12.08
C LYS A 34 -0.19 10.36 13.34
N ASN A 35 -1.43 9.89 13.26
CA ASN A 35 -2.10 9.29 14.40
C ASN A 35 -2.46 7.85 14.07
N THR A 36 -2.31 6.97 15.06
CA THR A 36 -2.73 5.58 14.97
C THR A 36 -3.85 5.34 15.96
N PHE A 37 -4.84 4.58 15.53
CA PHE A 37 -6.00 4.21 16.33
C PHE A 37 -6.12 2.69 16.27
N THR A 38 -6.38 2.07 17.41
CA THR A 38 -6.52 0.62 17.46
C THR A 38 -7.77 0.19 16.73
N ILE A 39 -7.60 -0.73 15.79
CA ILE A 39 -8.72 -1.44 15.17
C ILE A 39 -9.03 -2.64 16.03
N SER A 40 -10.23 -2.69 16.58
CA SER A 40 -10.61 -3.68 17.59
C SER A 40 -11.80 -4.42 17.00
N PRO A 41 -11.58 -5.50 16.26
CA PRO A 41 -12.68 -6.16 15.57
C PRO A 41 -13.54 -7.00 16.50
N ASN A 42 -14.77 -7.21 16.05
CA ASN A 42 -15.71 -8.12 16.69
C ASN A 42 -15.76 -9.36 15.79
N ASN A 43 -16.73 -10.23 15.99
CA ASN A 43 -16.73 -11.50 15.26
C ASN A 43 -17.43 -11.43 13.88
N SER A 44 -17.63 -10.22 13.33
CA SER A 44 -18.34 -10.06 12.06
C SER A 44 -17.58 -10.71 10.91
N THR A 45 -18.31 -11.44 10.07
CA THR A 45 -17.70 -12.00 8.87
C THR A 45 -18.54 -11.73 7.63
N ALA A 46 -17.91 -11.85 6.48
CA ALA A 46 -18.58 -11.75 5.21
C ALA A 46 -18.12 -12.91 4.34
N THR A 47 -19.02 -13.48 3.56
CA THR A 47 -18.66 -14.49 2.58
C THR A 47 -19.34 -14.15 1.27
N CYS A 48 -18.56 -14.25 0.18
CA CYS A 48 -19.04 -13.92 -1.16
C CYS A 48 -18.98 -15.15 -2.06
N ASN A 49 -19.75 -15.14 -3.15
CA ASN A 49 -19.82 -16.30 -4.02
C ASN A 49 -19.46 -16.03 -5.48
N ARG A 50 -19.01 -14.83 -5.83
CA ARG A 50 -18.60 -14.51 -7.19
C ARG A 50 -17.19 -13.93 -7.16
N ALA A 51 -16.36 -14.33 -8.11
CA ALA A 51 -15.01 -13.82 -8.21
C ALA A 51 -14.95 -12.32 -8.50
N SER A 52 -16.03 -11.74 -9.00
CA SER A 52 -16.03 -10.31 -9.21
C SER A 52 -16.41 -9.52 -7.96
N ASP A 53 -16.78 -10.20 -6.87
CA ASP A 53 -17.07 -9.51 -5.62
C ASP A 53 -15.81 -8.86 -5.07
N GLN A 54 -16.01 -7.73 -4.38
CA GLN A 54 -14.93 -6.85 -4.02
C GLN A 54 -15.04 -6.46 -2.55
N ILE A 55 -13.89 -6.23 -1.94
CA ILE A 55 -13.79 -5.40 -0.74
C ILE A 55 -13.38 -4.01 -1.18
N THR A 56 -14.09 -2.99 -0.68
CA THR A 56 -13.85 -1.60 -1.06
C THR A 56 -13.42 -0.80 0.15
N ALA A 57 -12.30 -0.11 0.02
CA ALA A 57 -11.88 0.91 0.97
C ALA A 57 -12.11 2.26 0.30
N ALA A 58 -13.00 3.08 0.85
CA ALA A 58 -13.45 4.29 0.17
C ALA A 58 -13.38 5.48 1.11
N LEU A 59 -13.41 6.69 0.53
CA LEU A 59 -13.31 7.96 1.25
C LEU A 59 -14.61 8.68 0.95
N PRO A 60 -15.66 8.48 1.76
CA PRO A 60 -16.98 8.99 1.35
C PRO A 60 -17.12 10.51 1.33
N LEU A 61 -16.19 11.29 1.87
CA LEU A 61 -16.31 12.74 1.70
C LEU A 61 -16.00 13.16 0.25
N ASN A 62 -15.34 12.29 -0.51
CA ASN A 62 -15.24 12.44 -1.97
C ASN A 62 -14.50 13.72 -2.36
N TYR A 63 -13.58 14.18 -1.51
CA TYR A 63 -12.67 15.25 -1.89
C TYR A 63 -11.69 14.75 -2.96
N PRO A 64 -11.26 15.65 -3.86
CA PRO A 64 -10.27 15.28 -4.87
C PRO A 64 -8.90 14.99 -4.29
N VAL A 65 -8.10 14.21 -5.04
CA VAL A 65 -6.69 14.04 -4.69
C VAL A 65 -6.02 15.41 -4.71
N SER A 66 -5.10 15.64 -3.77
CA SER A 66 -4.41 16.91 -3.62
C SER A 66 -3.40 17.12 -4.73
N SER A 67 -2.83 18.33 -4.77
CA SER A 67 -1.84 18.67 -5.78
C SER A 67 -0.62 17.77 -5.74
N ILE A 68 -0.36 17.10 -4.62
CA ILE A 68 0.85 16.30 -4.51
C ILE A 68 0.58 14.81 -4.78
N GLY A 69 -0.64 14.46 -5.14
CA GLY A 69 -0.88 13.05 -5.45
C GLY A 69 -0.54 12.14 -4.29
N ASN A 70 -0.18 10.91 -4.62
CA ASN A 70 0.29 9.94 -3.63
C ASN A 70 -0.76 9.66 -2.56
N ASN A 71 -2.00 9.56 -2.98
CA ASN A 71 -3.13 9.25 -2.11
C ASN A 71 -3.27 10.24 -0.97
N VAL A 72 -2.76 11.45 -1.16
CA VAL A 72 -2.97 12.55 -0.23
C VAL A 72 -4.17 13.34 -0.75
N TYR A 73 -5.28 13.32 -0.04
CA TYR A 73 -6.53 13.89 -0.54
C TYR A 73 -6.78 15.25 0.11
N ALA A 74 -7.36 16.17 -0.66
CA ALA A 74 -7.69 17.49 -0.14
C ALA A 74 -8.76 17.39 0.95
N THR A 75 -8.90 18.49 1.69
CA THR A 75 -9.83 18.65 2.80
C THR A 75 -10.55 19.98 2.62
N ASN A 76 -11.37 20.38 3.61
CA ASN A 76 -11.97 21.70 3.56
C ASN A 76 -10.94 22.81 3.80
N ILE A 77 -9.76 22.47 4.32
CA ILE A 77 -8.76 23.45 4.72
C ILE A 77 -7.72 23.53 3.61
N PRO A 78 -7.57 24.68 2.94
CA PRO A 78 -6.56 24.77 1.87
C PRO A 78 -5.16 24.40 2.34
N GLY A 79 -4.44 23.70 1.48
CA GLY A 79 -3.08 23.34 1.80
C GLY A 79 -2.95 22.19 2.77
N ILE A 80 -4.05 21.60 3.20
CA ILE A 80 -4.03 20.50 4.18
C ILE A 80 -4.67 19.29 3.55
N GLY A 81 -3.92 18.19 3.48
CA GLY A 81 -4.40 16.95 2.91
C GLY A 81 -4.37 15.88 3.98
N ILE A 82 -5.03 14.76 3.69
CA ILE A 82 -5.06 13.62 4.61
C ILE A 82 -4.72 12.37 3.82
N ARG A 83 -4.16 11.38 4.51
CA ARG A 83 -3.89 10.09 3.89
C ARG A 83 -4.18 9.00 4.91
N LEU A 84 -4.92 7.98 4.49
CA LEU A 84 -5.45 6.98 5.40
C LEU A 84 -4.99 5.59 4.98
N TYR A 85 -4.74 4.75 5.98
CA TYR A 85 -4.40 3.37 5.71
C TYR A 85 -4.51 2.58 7.01
N ARG A 86 -4.36 1.25 6.89
CA ARG A 86 -4.34 0.36 8.03
C ARG A 86 -3.10 -0.53 7.96
N GLU A 87 -2.72 -1.08 9.12
CA GLU A 87 -1.56 -1.97 9.22
C GLU A 87 -1.77 -2.87 10.43
N ALA A 88 -1.07 -4.01 10.43
CA ALA A 88 -1.00 -4.85 11.62
C ALA A 88 -0.31 -4.10 12.75
N PHE A 89 -0.39 -4.64 13.98
CA PHE A 89 0.32 -4.01 15.09
C PHE A 89 1.83 -4.05 14.86
N ASP A 90 2.33 -5.08 14.21
CA ASP A 90 3.76 -5.14 13.95
C ASP A 90 4.15 -4.34 12.71
N SER A 91 3.24 -3.48 12.23
CA SER A 91 3.38 -2.56 11.11
C SER A 91 3.38 -3.28 9.75
N THR A 92 3.26 -4.58 9.70
CA THR A 92 3.15 -5.26 8.41
C THR A 92 1.67 -5.27 7.98
N ASP A 93 1.38 -6.02 6.91
CA ASP A 93 0.03 -6.10 6.36
C ASP A 93 -0.54 -4.70 6.11
N PHE A 94 0.30 -3.84 5.52
CA PHE A 94 -0.12 -2.54 5.01
C PHE A 94 -1.31 -2.74 4.08
N SER A 95 -2.39 -2.02 4.37
CA SER A 95 -3.61 -2.17 3.58
C SER A 95 -3.44 -1.58 2.18
N GLY A 96 -2.47 -0.73 1.99
CA GLY A 96 -2.52 0.21 0.88
C GLY A 96 -3.30 1.44 1.27
N TYR A 97 -2.99 2.54 0.58
CA TYR A 97 -3.64 3.79 0.93
C TYR A 97 -5.08 3.75 0.43
N TYR A 98 -6.01 4.28 1.23
CA TYR A 98 -7.37 4.49 0.71
C TYR A 98 -7.29 5.50 -0.44
N PRO A 99 -8.14 5.37 -1.47
CA PRO A 99 -9.16 4.32 -1.63
C PRO A 99 -8.59 3.15 -2.41
N TYR A 100 -9.25 1.98 -2.35
CA TYR A 100 -8.82 0.84 -3.15
C TYR A 100 -9.94 -0.17 -3.21
N LYS A 101 -9.80 -1.10 -4.15
CA LYS A 101 -10.68 -2.25 -4.27
C LYS A 101 -9.79 -3.48 -4.38
N ARG A 102 -10.30 -4.57 -3.83
CA ARG A 102 -9.57 -5.82 -3.85
C ARG A 102 -10.55 -6.96 -4.09
N SER A 103 -10.24 -7.80 -5.09
CA SER A 103 -11.08 -8.95 -5.42
C SER A 103 -11.07 -9.94 -4.28
N LEU A 104 -12.22 -10.55 -4.02
CA LEU A 104 -12.40 -11.51 -2.95
C LEU A 104 -12.51 -12.93 -3.51
N THR A 105 -12.01 -13.87 -2.75
CA THR A 105 -12.10 -15.27 -3.18
C THR A 105 -13.48 -15.84 -2.86
N PRO A 106 -14.17 -16.41 -3.84
CA PRO A 106 -15.48 -17.01 -3.51
C PRO A 106 -15.32 -18.06 -2.43
N ASN A 107 -16.31 -18.10 -1.53
CA ASN A 107 -16.44 -19.05 -0.42
C ASN A 107 -15.38 -18.91 0.66
N THR A 108 -14.53 -17.89 0.58
CA THR A 108 -13.69 -17.54 1.71
C THR A 108 -14.47 -16.65 2.68
N THR A 109 -14.42 -16.99 3.96
CA THR A 109 -15.02 -16.18 5.01
C THR A 109 -14.02 -15.11 5.41
N TYR A 110 -14.42 -13.85 5.30
CA TYR A 110 -13.55 -12.74 5.64
C TYR A 110 -13.99 -12.11 6.95
N THR A 111 -13.00 -11.63 7.70
CA THR A 111 -13.20 -10.85 8.91
C THR A 111 -12.42 -9.55 8.77
N LEU A 112 -12.68 -8.63 9.71
CA LEU A 112 -11.86 -7.44 9.89
C LEU A 112 -10.62 -7.80 10.70
N SER A 113 -9.45 -7.52 10.18
CA SER A 113 -8.23 -7.81 10.91
C SER A 113 -7.92 -6.72 11.93
N PRO A 114 -7.28 -7.09 13.05
CA PRO A 114 -6.90 -6.08 14.04
C PRO A 114 -5.58 -5.42 13.64
N GLY A 115 -5.32 -4.28 14.25
CA GLY A 115 -4.12 -3.52 13.92
C GLY A 115 -4.34 -2.06 14.24
N TYR A 116 -3.70 -1.21 13.44
CA TYR A 116 -3.82 0.23 13.58
C TYR A 116 -4.48 0.82 12.35
N PHE A 117 -5.40 1.74 12.55
CA PHE A 117 -5.82 2.66 11.51
C PHE A 117 -4.94 3.90 11.59
N VAL A 118 -4.34 4.29 10.47
CA VAL A 118 -3.38 5.38 10.44
C VAL A 118 -3.99 6.54 9.68
N MET A 119 -3.99 7.70 10.29
CA MET A 119 -4.38 8.95 9.64
C MET A 119 -3.19 9.89 9.64
N GLU A 120 -2.85 10.39 8.47
CA GLU A 120 -1.81 11.39 8.32
C GLU A 120 -2.44 12.70 7.85
N VAL A 121 -2.01 13.81 8.44
CA VAL A 121 -2.38 15.14 7.98
C VAL A 121 -1.12 15.73 7.38
N ILE A 122 -1.20 16.18 6.14
CA ILE A 122 -0.02 16.45 5.32
C ILE A 122 -0.18 17.81 4.68
N LYS A 123 0.92 18.57 4.63
CA LYS A 123 0.89 19.89 4.00
C LYS A 123 1.03 19.72 2.49
N THR A 124 0.06 20.27 1.75
CA THR A 124 0.00 20.06 0.31
C THR A 124 0.22 21.34 -0.50
N ALA A 125 0.45 22.48 0.14
CA ALA A 125 0.63 23.73 -0.58
C ALA A 125 1.47 24.69 0.24
N ALA A 126 2.09 25.65 -0.45
CA ALA A 126 2.97 26.61 0.21
C ALA A 126 2.24 27.31 1.34
N THR A 127 1.01 27.75 1.07
CA THR A 127 0.16 28.45 1.99
C THR A 127 -0.93 27.50 2.48
N THR A 128 -1.16 27.48 3.79
CA THR A 128 -2.14 26.57 4.39
C THR A 128 -3.11 27.40 5.22
N GLY A 129 -4.38 26.95 5.24
CA GLY A 129 -5.42 27.62 5.99
C GLY A 129 -5.48 27.13 7.42
N SER A 130 -6.42 27.71 8.15
CA SER A 130 -6.69 27.36 9.53
C SER A 130 -8.16 27.01 9.69
N GLY A 131 -8.45 26.16 10.67
CA GLY A 131 -9.82 25.82 11.01
C GLY A 131 -9.99 24.34 11.32
N ALA A 132 -11.21 23.93 11.60
CA ALA A 132 -11.48 22.52 11.86
C ALA A 132 -11.66 21.78 10.54
N LEU A 133 -11.20 20.54 10.51
CA LEU A 133 -11.57 19.63 9.43
C LEU A 133 -13.07 19.40 9.48
N VAL A 134 -13.70 19.34 8.31
CA VAL A 134 -15.13 19.09 8.25
C VAL A 134 -15.41 17.76 8.95
N ALA A 135 -16.54 17.72 9.67
CA ALA A 135 -16.89 16.48 10.37
C ALA A 135 -17.62 15.52 9.44
N GLY A 136 -17.60 14.25 9.80
CA GLY A 136 -18.32 13.25 9.03
C GLY A 136 -17.52 11.99 8.93
N ARG A 137 -18.02 11.06 8.13
CA ARG A 137 -17.35 9.79 7.94
C ARG A 137 -16.23 9.95 6.92
N TYR A 138 -14.99 9.70 7.35
CA TYR A 138 -13.83 9.88 6.49
C TYR A 138 -13.46 8.64 5.71
N SER A 139 -13.81 7.46 6.19
CA SER A 139 -13.46 6.24 5.46
C SER A 139 -14.51 5.19 5.75
N THR A 140 -14.64 4.27 4.81
CA THR A 140 -15.51 3.11 4.96
C THR A 140 -14.84 1.94 4.24
N TYR A 141 -15.18 0.72 4.71
CA TYR A 141 -14.55 -0.53 4.30
C TYR A 141 -15.66 -1.58 4.26
N TYR A 142 -16.10 -1.96 3.07
CA TYR A 142 -17.32 -2.74 2.92
C TYR A 142 -17.19 -3.72 1.76
N VAL A 143 -18.04 -4.72 1.73
CA VAL A 143 -18.04 -5.69 0.65
C VAL A 143 -19.18 -5.45 -0.31
N THR A 144 -19.10 -6.06 -1.48
CA THR A 144 -20.08 -5.87 -2.54
C THR A 144 -21.48 -6.19 -2.06
N GLY A 145 -22.38 -5.22 -2.29
CA GLY A 145 -23.77 -5.31 -1.92
C GLY A 145 -24.06 -4.99 -0.49
N GLN A 146 -23.06 -4.58 0.28
CA GLN A 146 -23.20 -4.38 1.72
C GLN A 146 -22.63 -3.04 2.11
N GLN A 147 -22.77 -2.05 1.24
CA GLN A 147 -22.24 -0.73 1.51
C GLN A 147 -22.89 -0.11 2.72
N ASN A 148 -24.17 -0.44 2.98
CA ASN A 148 -24.84 0.03 4.20
C ASN A 148 -24.30 -0.60 5.47
N ARG A 149 -23.50 -1.66 5.39
CA ARG A 149 -23.09 -2.45 6.56
C ARG A 149 -21.60 -2.71 6.47
N PRO A 150 -20.79 -1.68 6.59
CA PRO A 150 -19.35 -1.85 6.42
C PRO A 150 -18.74 -2.60 7.60
N PHE A 151 -17.58 -3.21 7.33
CA PHE A 151 -16.76 -3.74 8.40
C PHE A 151 -16.27 -2.61 9.31
N LEU A 152 -15.85 -1.49 8.73
CA LEU A 152 -15.08 -0.49 9.46
C LEU A 152 -15.28 0.90 8.87
N THR A 153 -15.58 1.84 9.75
CA THR A 153 -15.69 3.24 9.37
C THR A 153 -14.79 4.03 10.32
N THR A 154 -14.34 5.19 9.84
CA THR A 154 -13.64 6.13 10.70
C THR A 154 -14.34 7.48 10.50
N THR A 155 -14.46 8.24 11.58
CA THR A 155 -15.36 9.38 11.65
C THR A 155 -14.69 10.50 12.42
N VAL A 156 -14.81 11.72 11.92
CA VAL A 156 -14.45 12.92 12.66
C VAL A 156 -15.74 13.48 13.27
N LEU A 157 -15.77 13.61 14.60
CA LEU A 157 -16.98 14.03 15.30
C LEU A 157 -17.03 15.54 15.46
N SER A 158 -18.24 16.10 15.35
CA SER A 158 -18.44 17.52 15.64
C SER A 158 -17.89 17.93 16.98
N SER A 159 -18.14 17.12 18.01
CA SER A 159 -17.77 17.39 19.39
C SER A 159 -16.27 17.25 19.65
N SER A 160 -15.50 16.74 18.71
CA SER A 160 -14.06 16.54 18.91
C SER A 160 -13.32 16.98 17.67
N PRO A 161 -13.34 18.27 17.37
CA PRO A 161 -12.81 18.75 16.09
C PRO A 161 -11.32 18.49 16.00
N ILE A 162 -10.86 18.36 14.76
CA ILE A 162 -9.44 18.30 14.46
C ILE A 162 -9.07 19.68 13.95
N LEU A 163 -8.33 20.43 14.76
CA LEU A 163 -8.05 21.83 14.45
C LEU A 163 -6.70 21.97 13.74
N ILE A 164 -6.70 22.71 12.64
CA ILE A 164 -5.49 23.12 11.96
C ILE A 164 -5.22 24.57 12.37
N ALA A 165 -4.04 24.83 12.96
CA ALA A 165 -3.60 26.17 13.34
C ALA A 165 -2.33 26.50 12.55
N SER A 166 -2.45 27.39 11.57
CA SER A 166 -1.33 27.80 10.74
C SER A 166 -0.79 29.13 11.27
N SER A 167 0.54 29.25 11.32
CA SER A 167 1.21 30.45 11.82
C SER A 167 2.12 31.07 10.75
N ASN B 1 31.38 5.35 -1.81
CA ASN B 1 31.07 3.98 -2.33
C ASN B 1 30.75 3.01 -1.18
N CYS B 2 30.39 1.77 -1.53
CA CYS B 2 29.85 0.82 -0.58
C CYS B 2 30.63 -0.48 -0.61
N THR B 3 30.93 -1.01 0.56
CA THR B 3 31.57 -2.31 0.67
C THR B 3 30.60 -3.26 1.38
N LEU B 4 30.66 -4.52 0.97
CA LEU B 4 29.76 -5.57 1.42
C LEU B 4 30.52 -6.53 2.33
N SER B 5 29.81 -7.10 3.30
CA SER B 5 30.43 -8.03 4.23
C SER B 5 31.04 -9.22 3.50
N LYS B 6 31.95 -9.91 4.21
CA LYS B 6 32.48 -11.18 3.74
C LYS B 6 31.32 -12.18 3.70
N GLY B 7 31.24 -12.95 2.61
CA GLY B 7 30.14 -13.90 2.46
C GLY B 7 28.78 -13.29 2.17
N PHE B 8 28.75 -12.02 1.76
CA PHE B 8 27.51 -11.36 1.37
C PHE B 8 26.77 -12.20 0.34
N THR B 9 25.50 -12.47 0.61
CA THR B 9 24.74 -13.39 -0.21
C THR B 9 23.36 -12.79 -0.44
N THR B 10 22.99 -12.68 -1.71
CA THR B 10 21.69 -12.18 -2.11
C THR B 10 20.59 -13.13 -1.67
N VAL B 11 19.47 -12.58 -1.23
CA VAL B 11 18.25 -13.35 -0.99
C VAL B 11 17.33 -13.16 -2.20
N ASP B 12 16.98 -14.28 -2.84
CA ASP B 12 16.03 -14.30 -3.92
C ASP B 12 14.73 -14.92 -3.43
N ILE B 13 13.61 -14.31 -3.79
CA ILE B 13 12.31 -14.87 -3.47
C ILE B 13 11.63 -15.26 -4.78
N PRO B 14 11.39 -16.55 -5.03
CA PRO B 14 10.62 -16.94 -6.21
C PRO B 14 9.16 -16.55 -6.04
N MET B 15 8.61 -15.91 -7.07
CA MET B 15 7.22 -15.44 -7.04
C MET B 15 6.31 -16.59 -7.50
N THR B 16 5.95 -17.44 -6.55
CA THR B 16 5.10 -18.61 -6.84
C THR B 16 3.66 -18.27 -6.49
N ILE B 17 2.84 -18.03 -7.51
CA ILE B 17 1.48 -17.51 -7.36
C ILE B 17 0.53 -18.39 -8.17
N GLY B 18 -0.63 -18.68 -7.62
CA GLY B 18 -1.63 -19.43 -8.35
C GLY B 18 -2.27 -18.59 -9.46
N THR B 19 -3.20 -19.22 -10.16
CA THR B 19 -3.86 -18.58 -11.29
C THR B 19 -4.69 -17.40 -10.82
N ILE B 20 -4.52 -16.26 -11.49
CA ILE B 20 -5.23 -15.03 -11.17
C ILE B 20 -6.46 -14.91 -12.06
N VAL B 21 -7.60 -14.83 -11.43
CA VAL B 21 -8.88 -14.71 -12.12
C VAL B 21 -9.16 -13.24 -12.36
N VAL B 22 -9.63 -12.92 -13.55
CA VAL B 22 -10.06 -11.58 -13.90
C VAL B 22 -11.47 -11.69 -14.47
N ARG B 23 -12.36 -10.82 -14.02
CA ARG B 23 -13.74 -10.83 -14.51
C ARG B 23 -14.07 -9.49 -15.16
N PRO B 24 -14.97 -9.48 -16.15
CA PRO B 24 -15.30 -8.20 -16.81
C PRO B 24 -15.76 -7.11 -15.87
N THR B 25 -16.57 -7.44 -14.87
CA THR B 25 -17.10 -6.46 -13.94
C THR B 25 -16.09 -6.02 -12.88
N ASP B 26 -14.94 -6.68 -12.77
CA ASP B 26 -13.89 -6.15 -11.93
C ASP B 26 -13.56 -4.72 -12.37
N PRO B 27 -13.58 -3.75 -11.47
CA PRO B 27 -13.31 -2.37 -11.90
C PRO B 27 -11.82 -2.12 -12.09
N ILE B 28 -11.55 -1.17 -13.00
CA ILE B 28 -10.18 -0.75 -13.21
C ILE B 28 -9.59 -0.31 -11.89
N GLY B 29 -8.42 -0.84 -11.53
CA GLY B 29 -7.76 -0.50 -10.30
C GLY B 29 -7.85 -1.59 -9.26
N THR B 30 -8.74 -2.55 -9.41
CA THR B 30 -8.87 -3.59 -8.40
C THR B 30 -7.60 -4.41 -8.31
N VAL B 31 -7.19 -4.68 -7.07
CA VAL B 31 -6.17 -5.65 -6.78
C VAL B 31 -6.76 -7.03 -7.02
N LEU B 32 -6.42 -7.62 -8.17
CA LEU B 32 -6.98 -8.93 -8.51
C LEU B 32 -6.44 -10.02 -7.61
N GLN B 33 -5.20 -9.87 -7.14
CA GLN B 33 -4.55 -10.84 -6.27
C GLN B 33 -3.41 -10.18 -5.53
N LYS B 34 -3.28 -10.50 -4.24
CA LYS B 34 -2.18 -10.02 -3.41
C LYS B 34 -1.45 -11.21 -2.80
N ASN B 35 -0.15 -11.32 -3.06
CA ASN B 35 0.62 -12.42 -2.49
C ASN B 35 1.75 -11.88 -1.63
N THR B 36 1.92 -12.51 -0.47
CA THR B 36 2.90 -12.12 0.53
C THR B 36 3.92 -13.24 0.69
N PHE B 37 5.20 -12.88 0.68
CA PHE B 37 6.31 -13.83 0.78
C PHE B 37 7.17 -13.39 1.94
N THR B 38 7.62 -14.36 2.74
CA THR B 38 8.49 -14.06 3.85
C THR B 38 9.82 -13.55 3.33
N ILE B 39 10.30 -12.45 3.89
CA ILE B 39 11.68 -12.03 3.67
C ILE B 39 12.48 -12.59 4.84
N SER B 40 13.40 -13.50 4.54
CA SER B 40 14.16 -14.23 5.54
C SER B 40 15.63 -13.83 5.37
N PRO B 41 16.10 -12.82 6.09
CA PRO B 41 17.46 -12.34 5.83
C PRO B 41 18.52 -13.28 6.38
N ASN B 42 19.72 -13.15 5.83
CA ASN B 42 20.94 -13.77 6.33
C ASN B 42 21.76 -12.64 6.97
N ASN B 43 23.03 -12.90 7.22
CA ASN B 43 23.84 -11.92 7.95
C ASN B 43 24.51 -10.90 7.05
N SER B 44 24.15 -10.84 5.77
CA SER B 44 24.75 -9.89 4.84
C SER B 44 24.59 -8.46 5.33
N THR B 45 25.67 -7.67 5.18
CA THR B 45 25.65 -6.25 5.51
C THR B 45 26.34 -5.43 4.42
N ALA B 46 25.94 -4.16 4.32
CA ALA B 46 26.57 -3.17 3.47
C ALA B 46 26.90 -1.92 4.28
N THR B 47 28.07 -1.33 4.00
CA THR B 47 28.51 -0.11 4.64
C THR B 47 29.05 0.82 3.57
N CYS B 48 28.52 2.03 3.52
CA CYS B 48 28.92 3.04 2.54
C CYS B 48 29.59 4.20 3.27
N ASN B 49 30.35 5.01 2.53
CA ASN B 49 31.15 6.06 3.16
C ASN B 49 30.97 7.44 2.54
N ARG B 50 29.97 7.64 1.69
CA ARG B 50 29.70 8.93 1.09
C ARG B 50 28.21 9.24 1.22
N ALA B 51 27.90 10.53 1.39
CA ALA B 51 26.50 10.95 1.56
C ALA B 51 25.66 10.68 0.31
N SER B 52 26.31 10.67 -0.86
CA SER B 52 25.65 10.40 -2.13
C SER B 52 25.37 8.92 -2.36
N ASP B 53 25.88 8.02 -1.50
CA ASP B 53 25.56 6.61 -1.63
C ASP B 53 24.11 6.34 -1.23
N GLN B 54 23.54 5.32 -1.84
CA GLN B 54 22.11 5.09 -1.80
C GLN B 54 21.78 3.61 -1.85
N ILE B 55 20.57 3.28 -1.45
CA ILE B 55 19.99 1.98 -1.72
C ILE B 55 18.84 2.19 -2.69
N THR B 56 18.70 1.27 -3.62
CA THR B 56 17.80 1.39 -4.76
C THR B 56 16.88 0.19 -4.81
N ALA B 57 15.59 0.46 -4.83
CA ALA B 57 14.56 -0.53 -5.13
C ALA B 57 14.15 -0.34 -6.59
N ALA B 58 14.35 -1.37 -7.43
CA ALA B 58 14.17 -1.17 -8.86
C ALA B 58 13.40 -2.32 -9.50
N LEU B 59 12.95 -2.08 -10.73
CA LEU B 59 12.08 -2.98 -11.48
C LEU B 59 12.82 -3.30 -12.78
N PRO B 60 13.66 -4.35 -12.78
CA PRO B 60 14.58 -4.57 -13.90
C PRO B 60 13.91 -4.93 -15.22
N LEU B 61 12.67 -5.43 -15.23
CA LEU B 61 12.01 -5.64 -16.53
C LEU B 61 11.67 -4.32 -17.21
N ASN B 62 11.66 -3.23 -16.46
N ASN B 62 11.68 -3.20 -16.50
CA ASN B 62 11.57 -1.86 -16.99
CA ASN B 62 11.64 -1.88 -17.12
C ASN B 62 10.36 -1.69 -17.89
C ASN B 62 10.33 -1.65 -17.88
N TYR B 63 9.25 -2.32 -17.51
CA TYR B 63 7.97 -2.00 -18.13
C TYR B 63 7.55 -0.61 -17.68
N PRO B 64 6.79 0.12 -18.50
CA PRO B 64 6.38 1.47 -18.12
C PRO B 64 5.33 1.45 -17.04
N VAL B 65 5.20 2.58 -16.34
CA VAL B 65 4.10 2.75 -15.42
C VAL B 65 2.81 2.60 -16.21
N SER B 66 1.82 1.93 -15.61
CA SER B 66 0.57 1.64 -16.30
C SER B 66 -0.25 2.91 -16.44
N SER B 67 -1.29 2.83 -17.26
CA SER B 67 -2.17 3.98 -17.46
C SER B 67 -2.79 4.49 -16.17
N ILE B 68 -2.90 3.66 -15.12
CA ILE B 68 -3.53 4.14 -13.89
C ILE B 68 -2.52 4.66 -12.87
N GLY B 69 -1.23 4.71 -13.20
CA GLY B 69 -0.27 5.24 -12.24
C GLY B 69 -0.28 4.48 -10.93
N ASN B 70 -0.13 5.24 -9.83
CA ASN B 70 -0.15 4.71 -8.45
C ASN B 70 0.85 3.58 -8.25
N ASN B 71 2.01 3.71 -8.90
CA ASN B 71 3.09 2.72 -8.84
C ASN B 71 2.66 1.36 -9.35
N VAL B 72 1.68 1.33 -10.23
CA VAL B 72 1.26 0.11 -10.90
C VAL B 72 1.90 0.08 -12.28
N TYR B 73 2.75 -0.92 -12.49
CA TYR B 73 3.53 -1.07 -13.70
C TYR B 73 2.89 -2.08 -14.65
N ALA B 74 2.97 -1.77 -15.94
CA ALA B 74 2.41 -2.61 -16.98
C ALA B 74 3.17 -3.93 -17.02
N THR B 75 2.55 -4.92 -17.66
CA THR B 75 3.20 -6.21 -17.83
C THR B 75 3.11 -6.63 -19.29
N ASN B 76 3.46 -7.89 -19.56
CA ASN B 76 3.28 -8.43 -20.91
C ASN B 76 1.82 -8.73 -21.21
N ILE B 77 0.94 -8.70 -20.22
CA ILE B 77 -0.47 -9.02 -20.42
C ILE B 77 -1.25 -7.71 -20.45
N PRO B 78 -1.94 -7.37 -21.55
CA PRO B 78 -2.69 -6.11 -21.58
C PRO B 78 -3.74 -6.03 -20.47
N GLY B 79 -3.84 -4.85 -19.88
CA GLY B 79 -4.80 -4.60 -18.82
C GLY B 79 -4.44 -5.17 -17.47
N ILE B 80 -3.24 -5.72 -17.33
CA ILE B 80 -2.76 -6.33 -16.10
C ILE B 80 -1.46 -5.64 -15.70
N GLY B 81 -1.46 -5.08 -14.49
CA GLY B 81 -0.27 -4.46 -13.93
C GLY B 81 0.15 -5.14 -12.65
N ILE B 82 1.31 -4.71 -12.16
CA ILE B 82 1.89 -5.22 -10.94
C ILE B 82 2.37 -4.06 -10.07
N ARG B 83 2.33 -4.28 -8.78
CA ARG B 83 2.87 -3.33 -7.81
C ARG B 83 3.55 -4.14 -6.74
N LEU B 84 4.73 -3.67 -6.32
CA LEU B 84 5.59 -4.42 -5.43
C LEU B 84 6.02 -3.53 -4.27
N TYR B 85 6.23 -4.15 -3.11
CA TYR B 85 6.83 -3.43 -2.00
C TYR B 85 7.35 -4.41 -0.96
N ARG B 86 8.17 -3.87 -0.06
CA ARG B 86 8.61 -4.60 1.12
C ARG B 86 7.90 -4.07 2.37
N GLU B 87 7.80 -4.95 3.37
CA GLU B 87 7.36 -4.62 4.71
C GLU B 87 8.42 -5.14 5.68
N ALA B 88 8.71 -4.35 6.70
CA ALA B 88 9.69 -4.71 7.71
C ALA B 88 8.98 -4.75 9.06
N PHE B 89 9.22 -5.81 9.82
CA PHE B 89 8.62 -5.89 11.15
C PHE B 89 8.98 -4.65 11.96
N ASP B 90 7.98 -4.15 12.70
CA ASP B 90 8.12 -3.03 13.63
C ASP B 90 8.71 -1.78 12.99
N SER B 91 8.49 -1.59 11.69
CA SER B 91 8.91 -0.37 11.05
C SER B 91 7.95 0.78 11.39
N THR B 92 8.47 1.99 11.23
CA THR B 92 7.78 3.22 11.60
C THR B 92 6.88 3.74 10.49
N ASP B 93 7.17 3.41 9.24
CA ASP B 93 6.35 3.89 8.14
C ASP B 93 6.46 2.93 6.97
N PHE B 94 5.62 3.16 5.97
CA PHE B 94 5.63 2.40 4.73
C PHE B 94 6.95 2.65 4.00
N SER B 95 7.65 1.57 3.67
CA SER B 95 8.93 1.72 2.97
C SER B 95 8.74 2.14 1.52
N GLY B 96 7.53 2.01 0.98
CA GLY B 96 7.24 2.58 -0.31
C GLY B 96 7.04 1.52 -1.40
N TYR B 97 6.28 1.89 -2.43
CA TYR B 97 6.15 1.04 -3.60
C TYR B 97 7.39 1.18 -4.47
N TYR B 98 7.88 0.05 -5.01
CA TYR B 98 8.96 0.12 -5.97
C TYR B 98 8.49 0.94 -7.17
N PRO B 99 9.38 1.70 -7.82
CA PRO B 99 10.81 1.91 -7.55
C PRO B 99 11.12 3.14 -6.69
N TYR B 100 12.31 3.19 -6.09
CA TYR B 100 12.72 4.37 -5.34
C TYR B 100 14.18 4.21 -4.94
N LYS B 101 14.79 5.32 -4.56
CA LYS B 101 16.13 5.32 -4.00
C LYS B 101 16.05 5.99 -2.63
N ARG B 102 16.82 5.50 -1.68
CA ARG B 102 16.91 6.14 -0.37
C ARG B 102 18.38 6.40 -0.07
N SER B 103 18.66 7.51 0.60
CA SER B 103 20.04 7.83 0.98
C SER B 103 20.46 6.97 2.18
N LEU B 104 21.72 6.59 2.18
CA LEU B 104 22.30 5.80 3.25
C LEU B 104 23.25 6.67 4.05
N THR B 105 23.18 6.53 5.37
CA THR B 105 24.04 7.25 6.28
C THR B 105 25.48 6.79 6.12
N PRO B 106 26.43 7.68 5.90
CA PRO B 106 27.82 7.25 5.80
C PRO B 106 28.25 6.52 7.07
N ASN B 107 28.99 5.43 6.87
CA ASN B 107 29.61 4.63 7.92
C ASN B 107 28.62 3.88 8.79
N THR B 108 27.34 3.89 8.46
CA THR B 108 26.38 3.02 9.11
C THR B 108 26.26 1.70 8.36
N THR B 109 26.35 0.60 9.11
CA THR B 109 26.15 -0.74 8.57
C THR B 109 24.67 -1.08 8.50
N TYR B 110 24.22 -1.48 7.31
CA TYR B 110 22.85 -1.84 7.03
C TYR B 110 22.74 -3.34 6.77
N THR B 111 21.60 -3.91 7.15
CA THR B 111 21.26 -5.28 6.86
C THR B 111 19.86 -5.31 6.26
N LEU B 112 19.51 -6.44 5.67
CA LEU B 112 18.16 -6.60 5.14
C LEU B 112 17.22 -6.87 6.32
N SER B 113 16.19 -6.06 6.48
CA SER B 113 15.29 -6.26 7.60
C SER B 113 14.39 -7.47 7.34
N PRO B 114 14.06 -8.22 8.39
CA PRO B 114 13.04 -9.26 8.22
C PRO B 114 11.67 -8.66 8.03
N GLY B 115 10.82 -9.40 7.32
CA GLY B 115 9.46 -8.97 7.09
C GLY B 115 8.83 -9.72 5.95
N TYR B 116 8.22 -8.98 5.01
CA TYR B 116 7.49 -9.60 3.93
C TYR B 116 7.72 -8.82 2.65
N PHE B 117 7.65 -9.54 1.54
CA PHE B 117 7.60 -8.97 0.22
C PHE B 117 6.18 -9.17 -0.30
N VAL B 118 5.62 -8.13 -0.87
CA VAL B 118 4.24 -8.16 -1.35
C VAL B 118 4.25 -7.89 -2.84
N MET B 119 3.53 -8.72 -3.59
CA MET B 119 3.32 -8.54 -5.01
C MET B 119 1.82 -8.48 -5.25
N GLU B 120 1.36 -7.40 -5.85
CA GLU B 120 -0.04 -7.26 -6.21
C GLU B 120 -0.17 -7.31 -7.72
N VAL B 121 -1.21 -7.98 -8.21
CA VAL B 121 -1.56 -7.97 -9.61
C VAL B 121 -2.90 -7.24 -9.72
N ILE B 122 -2.98 -6.30 -10.66
CA ILE B 122 -3.99 -5.25 -10.63
C ILE B 122 -4.55 -5.07 -12.02
N LYS B 123 -5.87 -4.92 -12.11
CA LYS B 123 -6.51 -4.65 -13.40
C LYS B 123 -6.35 -3.17 -13.78
N THR B 124 -5.74 -2.90 -14.93
CA THR B 124 -5.39 -1.54 -15.33
C THR B 124 -6.16 -1.01 -16.53
N ALA B 125 -6.99 -1.84 -17.17
CA ALA B 125 -7.79 -1.42 -18.31
C ALA B 125 -9.06 -2.27 -18.34
N ALA B 126 -10.08 -1.76 -19.05
CA ALA B 126 -11.36 -2.47 -19.11
C ALA B 126 -11.19 -3.82 -19.79
N THR B 127 -10.29 -3.91 -20.75
CA THR B 127 -10.01 -5.11 -21.53
C THR B 127 -8.73 -5.74 -21.01
N THR B 128 -8.79 -7.01 -20.60
CA THR B 128 -7.62 -7.68 -20.05
C THR B 128 -7.29 -8.91 -20.89
N GLY B 129 -6.00 -9.19 -21.02
CA GLY B 129 -5.56 -10.39 -21.70
C GLY B 129 -5.57 -11.59 -20.78
N SER B 130 -5.03 -12.69 -21.31
CA SER B 130 -4.86 -13.94 -20.60
C SER B 130 -3.49 -14.46 -20.99
N GLY B 131 -2.93 -15.31 -20.15
CA GLY B 131 -1.64 -15.89 -20.43
C GLY B 131 -0.75 -15.74 -19.22
N ALA B 132 0.49 -16.17 -19.42
CA ALA B 132 1.46 -16.17 -18.33
C ALA B 132 2.19 -14.84 -18.27
N LEU B 133 2.45 -14.36 -17.06
CA LEU B 133 3.36 -13.23 -16.92
C LEU B 133 4.74 -13.65 -17.43
N VAL B 134 5.44 -12.69 -18.08
CA VAL B 134 6.79 -12.96 -18.56
C VAL B 134 7.70 -13.30 -17.39
N ALA B 135 8.56 -14.31 -17.57
CA ALA B 135 9.44 -14.78 -16.51
C ALA B 135 10.62 -13.82 -16.39
N GLY B 136 11.18 -13.73 -15.20
CA GLY B 136 12.42 -12.99 -15.03
C GLY B 136 12.49 -12.37 -13.65
N ARG B 137 13.55 -11.60 -13.44
CA ARG B 137 13.73 -10.87 -12.19
C ARG B 137 12.81 -9.66 -12.20
N TYR B 138 11.88 -9.61 -11.25
CA TYR B 138 10.91 -8.51 -11.19
C TYR B 138 11.35 -7.37 -10.29
N SER B 139 12.25 -7.63 -9.35
CA SER B 139 12.66 -6.56 -8.46
C SER B 139 14.06 -6.83 -7.99
N THR B 140 14.74 -5.75 -7.66
CA THR B 140 16.07 -5.80 -7.09
C THR B 140 16.17 -4.67 -6.08
N TYR B 141 17.00 -4.91 -5.07
CA TYR B 141 17.21 -3.98 -3.95
C TYR B 141 18.70 -4.04 -3.63
N TYR B 142 19.43 -2.99 -4.01
CA TYR B 142 20.89 -3.01 -3.97
C TYR B 142 21.45 -1.64 -3.60
N VAL B 143 22.69 -1.64 -3.13
CA VAL B 143 23.35 -0.39 -2.74
C VAL B 143 24.27 0.06 -3.87
N THR B 144 24.66 1.33 -3.80
CA THR B 144 25.50 1.95 -4.82
C THR B 144 26.76 1.15 -5.10
N GLY B 145 27.01 0.93 -6.38
CA GLY B 145 28.18 0.24 -6.81
C GLY B 145 28.17 -1.25 -6.57
N GLN B 146 27.03 -1.81 -6.15
CA GLN B 146 26.90 -3.22 -5.81
C GLN B 146 25.63 -3.79 -6.42
N GLN B 147 25.31 -3.30 -7.61
CA GLN B 147 24.10 -3.74 -8.31
C GLN B 147 24.18 -5.20 -8.69
N ASN B 148 25.39 -5.75 -8.88
CA ASN B 148 25.55 -7.15 -9.15
C ASN B 148 25.34 -8.01 -7.93
N ARG B 149 25.24 -7.42 -6.74
CA ARG B 149 25.11 -8.19 -5.50
C ARG B 149 24.00 -7.58 -4.66
N PRO B 150 22.75 -7.73 -5.09
CA PRO B 150 21.65 -7.09 -4.37
C PRO B 150 21.40 -7.75 -3.01
N PHE B 151 20.80 -6.96 -2.10
CA PHE B 151 20.30 -7.54 -0.87
C PHE B 151 19.19 -8.55 -1.19
N LEU B 152 18.27 -8.16 -2.07
CA LEU B 152 17.02 -8.86 -2.23
C LEU B 152 16.57 -8.75 -3.68
N THR B 153 16.23 -9.88 -4.25
CA THR B 153 15.64 -9.97 -5.58
C THR B 153 14.39 -10.82 -5.47
N THR B 154 13.45 -10.55 -6.39
CA THR B 154 12.26 -11.37 -6.55
C THR B 154 12.16 -11.73 -8.02
N THR B 155 11.82 -12.99 -8.27
CA THR B 155 11.95 -13.60 -9.57
C THR B 155 10.71 -14.41 -9.88
N VAL B 156 10.21 -14.28 -11.10
CA VAL B 156 9.15 -15.14 -11.60
C VAL B 156 9.84 -16.24 -12.39
N LEU B 157 9.54 -17.50 -12.07
CA LEU B 157 10.23 -18.64 -12.67
C LEU B 157 9.46 -19.17 -13.87
N SER B 158 10.18 -19.45 -14.94
CA SER B 158 9.55 -20.05 -16.11
C SER B 158 8.87 -21.36 -15.73
N SER B 159 9.48 -22.12 -14.82
CA SER B 159 8.91 -23.39 -14.42
C SER B 159 7.67 -23.23 -13.54
N SER B 160 7.41 -22.05 -13.01
CA SER B 160 6.26 -21.81 -12.13
C SER B 160 5.51 -20.58 -12.61
N PRO B 161 4.83 -20.68 -13.74
CA PRO B 161 4.24 -19.49 -14.34
C PRO B 161 3.10 -18.94 -13.51
N ILE B 162 2.94 -17.62 -13.62
CA ILE B 162 1.82 -16.90 -13.02
C ILE B 162 0.86 -16.67 -14.17
N LEU B 163 -0.31 -17.30 -14.11
CA LEU B 163 -1.25 -17.31 -15.21
C LEU B 163 -2.36 -16.31 -14.94
N ILE B 164 -2.60 -15.43 -15.88
CA ILE B 164 -3.78 -14.58 -15.84
C ILE B 164 -4.88 -15.27 -16.62
N ALA B 165 -6.05 -15.42 -16.00
CA ALA B 165 -7.21 -16.07 -16.62
C ALA B 165 -8.39 -15.10 -16.63
N SER B 166 -8.57 -14.42 -17.78
CA SER B 166 -9.65 -13.47 -18.01
C SER B 166 -10.83 -14.18 -18.66
N SER B 167 -12.00 -14.13 -18.03
CA SER B 167 -13.17 -14.83 -18.54
C SER B 167 -14.44 -14.22 -17.94
N SER B 168 -15.57 -14.46 -18.61
CA SER B 168 -16.88 -14.03 -18.12
C SER B 168 -17.66 -15.25 -17.62
#